data_7W93
#
_entry.id   7W93
#
_cell.length_a   185.830
_cell.length_b   185.830
_cell.length_c   52.510
_cell.angle_alpha   90.000
_cell.angle_beta   90.000
_cell.angle_gamma   120.000
#
_symmetry.space_group_name_H-M   'P 63 2 2'
#
loop_
_entity.id
_entity.type
_entity.pdbx_description
1 polymer 'PfkB domain protein'
2 non-polymer 5-[(2S,3R,4S,5R)-5-(hydroxymethyl)-3,4-bis(oxidanyl)oxolan-2-yl]-1-methyl-pyrimidine-2,4-dione
3 non-polymer 'POTASSIUM ION'
4 water water
#
_entity_poly.entity_id   1
_entity_poly.type   'polypeptide(L)'
_entity_poly.pdbx_seq_one_letter_code
;MREKDYVVIIGSANIDVAGYSHESLNYADSNPGKIKFTPGGVGRNIAQNLALLGNKAWLLSAVGSDFYGQSLLTQTNQSG
VYVDKCLIVPGENTSSYLSLLDNTGEMLVAINDMNISNAITAEYLAQHREFIQRAKVIVADCNISEEALAWILDNAANVP
VFVDPVSAWKCVKVRDRLNQIHTLKPNRLEAETLSGIALSGRDDVAKVAAWFHQHGLNRLVLSMGGDGVYYSDIRGENGW
SAPIKTNVINVTGAGDAMMAGLASCWVDGMPFAESVRFAQGCSSMALSCEYTNNPDLSIANVISLVENAECLN
;
_entity_poly.pdbx_strand_id   A
#
loop_
_chem_comp.id
_chem_comp.type
_chem_comp.name
_chem_comp.formula
8IZ non-polymer 5-[(2S,3R,4S,5R)-5-(hydroxymethyl)-3,4-bis(oxidanyl)oxolan-2-yl]-1-methyl-pyrimidine-2,4-dione 'C10 H14 N2 O6'
K non-polymer 'POTASSIUM ION' 'K 1'
#
# COMPACT_ATOMS: atom_id res chain seq x y z
N ARG A 2 12.42 -16.90 9.72
CA ARG A 2 12.74 -18.26 9.30
C ARG A 2 12.96 -18.30 7.79
N GLU A 3 14.02 -19.00 7.35
CA GLU A 3 14.47 -18.94 5.97
C GLU A 3 13.44 -19.45 4.97
N LYS A 4 12.39 -20.14 5.41
CA LYS A 4 11.30 -20.50 4.52
C LYS A 4 10.05 -19.66 4.74
N ASP A 5 10.11 -18.66 5.62
CA ASP A 5 8.99 -17.75 5.79
C ASP A 5 9.03 -16.72 4.66
N TYR A 6 7.90 -16.47 4.03
CA TYR A 6 7.84 -15.43 3.02
C TYR A 6 6.46 -14.79 3.08
N VAL A 7 6.36 -13.64 2.44
CA VAL A 7 5.14 -12.85 2.40
C VAL A 7 4.79 -12.67 0.92
N VAL A 8 3.50 -12.68 0.62
CA VAL A 8 3.01 -12.57 -0.74
C VAL A 8 2.22 -11.28 -0.85
N ILE A 9 2.56 -10.44 -1.83
CA ILE A 9 1.85 -9.19 -2.08
C ILE A 9 1.18 -9.28 -3.45
N ILE A 10 -0.10 -8.94 -3.51
CA ILE A 10 -0.86 -8.99 -4.74
C ILE A 10 -1.38 -7.57 -5.00
N GLY A 11 -0.85 -6.91 -6.01
CA GLY A 11 -1.27 -5.54 -6.26
C GLY A 11 -0.59 -4.95 -7.48
N SER A 12 -0.72 -3.64 -7.61
N SER A 12 -0.72 -3.64 -7.61
CA SER A 12 -0.30 -2.96 -8.82
CA SER A 12 -0.29 -2.99 -8.84
C SER A 12 1.19 -2.61 -8.78
C SER A 12 1.17 -2.59 -8.79
N ALA A 13 1.79 -2.61 -9.98
CA ALA A 13 3.15 -2.14 -10.21
C ALA A 13 3.07 -1.07 -11.30
N ASN A 14 3.41 0.16 -10.95
CA ASN A 14 3.33 1.28 -11.88
C ASN A 14 4.71 1.88 -12.10
N ILE A 15 4.92 2.52 -13.24
CA ILE A 15 5.97 3.54 -13.37
C ILE A 15 5.34 4.89 -13.06
N ASP A 16 5.82 5.52 -12.00
CA ASP A 16 5.40 6.86 -11.69
C ASP A 16 6.26 7.82 -12.51
N VAL A 17 5.63 8.79 -13.15
CA VAL A 17 6.35 9.82 -13.90
C VAL A 17 5.96 11.16 -13.32
N ALA A 18 6.93 11.85 -12.73
CA ALA A 18 6.75 13.17 -12.15
C ALA A 18 7.53 14.18 -12.98
N GLY A 19 6.83 15.15 -13.52
CA GLY A 19 7.48 16.23 -14.25
C GLY A 19 7.05 17.57 -13.71
N TYR A 20 8.01 18.48 -13.62
CA TYR A 20 7.72 19.87 -13.30
C TYR A 20 8.55 20.77 -14.19
N SER A 21 7.99 21.92 -14.54
CA SER A 21 8.75 22.94 -15.26
C SER A 21 9.60 23.73 -14.29
N HIS A 22 10.79 24.14 -14.73
CA HIS A 22 11.63 24.95 -13.87
C HIS A 22 10.97 26.30 -13.59
N GLU A 23 10.33 26.88 -14.59
CA GLU A 23 9.73 28.20 -14.47
C GLU A 23 8.22 28.13 -14.72
N SER A 24 7.61 29.31 -14.81
CA SER A 24 6.19 29.42 -15.11
C SER A 24 5.89 28.73 -16.43
N LEU A 25 4.81 27.96 -16.46
CA LEU A 25 4.46 27.20 -17.65
C LEU A 25 4.11 28.11 -18.82
N ASN A 26 4.33 27.60 -20.03
CA ASN A 26 4.11 28.33 -21.26
C ASN A 26 2.89 27.85 -22.05
N TYR A 27 2.64 26.54 -22.07
CA TYR A 27 1.62 25.91 -22.92
C TYR A 27 1.98 26.08 -24.40
N ALA A 28 2.33 27.31 -24.80
CA ALA A 28 2.77 27.62 -26.15
C ALA A 28 4.22 27.23 -26.41
N ASP A 29 4.81 26.38 -25.57
CA ASP A 29 6.18 25.92 -25.76
C ASP A 29 6.41 24.68 -24.92
N SER A 30 7.50 23.99 -25.24
CA SER A 30 8.04 22.94 -24.39
C SER A 30 8.98 23.61 -23.37
N ASN A 31 8.71 23.38 -22.11
CA ASN A 31 9.44 24.12 -21.08
C ASN A 31 10.55 23.26 -20.49
N PRO A 32 11.77 23.78 -20.41
CA PRO A 32 12.83 23.06 -19.69
C PRO A 32 12.43 22.80 -18.25
N GLY A 33 12.60 21.56 -17.82
CA GLY A 33 12.17 21.14 -16.51
C GLY A 33 12.86 19.86 -16.10
N LYS A 34 12.33 19.21 -15.08
CA LYS A 34 12.90 17.96 -14.59
C LYS A 34 11.85 16.86 -14.63
N ILE A 35 12.24 15.70 -15.12
CA ILE A 35 11.33 14.56 -15.25
C ILE A 35 11.97 13.36 -14.58
N LYS A 36 11.24 12.71 -13.68
CA LYS A 36 11.75 11.57 -12.92
C LYS A 36 10.87 10.35 -13.09
N PHE A 37 11.48 9.21 -13.39
CA PHE A 37 10.78 7.95 -13.55
C PHE A 37 11.11 7.13 -12.30
N THR A 38 10.06 6.58 -11.66
N THR A 38 10.07 6.66 -11.62
CA THR A 38 10.29 5.94 -10.36
CA THR A 38 10.25 5.92 -10.37
C THR A 38 9.28 4.81 -10.18
C THR A 38 9.30 4.74 -10.31
N PRO A 39 9.69 3.65 -9.66
CA PRO A 39 8.73 2.56 -9.44
C PRO A 39 7.62 2.96 -8.47
N GLY A 40 6.40 2.53 -8.81
CA GLY A 40 5.22 2.82 -8.02
C GLY A 40 4.20 1.70 -8.07
N GLY A 41 2.94 2.03 -7.74
CA GLY A 41 1.90 1.03 -7.61
C GLY A 41 1.83 0.59 -6.16
N VAL A 42 0.64 0.63 -5.55
CA VAL A 42 0.56 0.43 -4.10
C VAL A 42 1.16 -0.91 -3.71
N GLY A 43 0.77 -1.98 -4.41
CA GLY A 43 1.25 -3.30 -4.05
C GLY A 43 2.74 -3.45 -4.26
N ARG A 44 3.26 -2.93 -5.37
CA ARG A 44 4.70 -2.99 -5.60
C ARG A 44 5.45 -2.21 -4.52
N ASN A 45 4.95 -1.03 -4.15
CA ASN A 45 5.62 -0.23 -3.12
C ASN A 45 5.65 -0.96 -1.78
N ILE A 46 4.54 -1.59 -1.42
CA ILE A 46 4.48 -2.32 -0.15
C ILE A 46 5.48 -3.46 -0.17
N ALA A 47 5.55 -4.18 -1.29
CA ALA A 47 6.50 -5.28 -1.39
C ALA A 47 7.92 -4.78 -1.18
N GLN A 48 8.25 -3.60 -1.74
CA GLN A 48 9.63 -3.13 -1.64
C GLN A 48 9.91 -2.80 -0.18
N ASN A 49 8.90 -2.24 0.50
CA ASN A 49 9.04 -1.87 1.90
C ASN A 49 9.18 -3.09 2.80
N LEU A 50 8.42 -4.15 2.51
CA LEU A 50 8.58 -5.42 3.22
C LEU A 50 10.00 -5.96 3.05
N ALA A 51 10.54 -5.90 1.83
CA ALA A 51 11.90 -6.38 1.60
C ALA A 51 12.89 -5.58 2.42
N LEU A 52 12.76 -4.24 2.40
CA LEU A 52 13.64 -3.38 3.16
C LEU A 52 13.53 -3.66 4.66
N LEU A 53 12.36 -4.09 5.12
CA LEU A 53 12.17 -4.45 6.51
C LEU A 53 12.70 -5.85 6.81
N GLY A 54 13.32 -6.51 5.84
CA GLY A 54 13.95 -7.80 6.08
C GLY A 54 13.11 -9.03 5.83
N ASN A 55 12.00 -8.93 5.12
CA ASN A 55 11.16 -10.08 4.82
C ASN A 55 11.41 -10.58 3.40
N LYS A 56 11.27 -11.89 3.19
CA LYS A 56 11.23 -12.42 1.82
C LYS A 56 9.86 -12.11 1.23
N ALA A 57 9.83 -11.22 0.24
CA ALA A 57 8.56 -10.69 -0.26
C ALA A 57 8.40 -11.08 -1.72
N TRP A 58 7.29 -11.75 -2.05
CA TRP A 58 7.05 -12.10 -3.43
C TRP A 58 5.90 -11.25 -3.95
N LEU A 59 6.14 -10.57 -5.07
CA LEU A 59 5.13 -9.75 -5.74
C LEU A 59 4.41 -10.55 -6.81
N LEU A 60 3.08 -10.59 -6.73
CA LEU A 60 2.23 -11.11 -7.80
C LEU A 60 1.53 -9.92 -8.46
N SER A 61 1.90 -9.60 -9.70
CA SER A 61 1.44 -8.37 -10.32
C SER A 61 1.50 -8.55 -11.85
N ALA A 62 1.29 -7.47 -12.58
CA ALA A 62 1.26 -7.54 -14.04
C ALA A 62 1.93 -6.32 -14.63
N VAL A 63 2.80 -6.56 -15.62
CA VAL A 63 3.33 -5.51 -16.47
C VAL A 63 3.26 -6.00 -17.91
N GLY A 64 3.33 -5.07 -18.86
CA GLY A 64 3.32 -5.43 -20.26
C GLY A 64 4.71 -5.84 -20.72
N SER A 65 4.78 -6.23 -22.00
CA SER A 65 6.06 -6.50 -22.66
C SER A 65 6.44 -5.25 -23.43
N ASP A 66 7.27 -4.40 -22.83
CA ASP A 66 7.50 -3.10 -23.44
C ASP A 66 8.81 -2.45 -22.98
N PHE A 67 9.77 -3.29 -22.62
CA PHE A 67 11.07 -2.88 -22.12
C PHE A 67 10.98 -2.07 -20.82
N TYR A 68 10.11 -1.06 -20.77
CA TYR A 68 10.03 -0.27 -19.56
C TYR A 68 9.36 -1.06 -18.43
N GLY A 69 8.42 -1.93 -18.78
CA GLY A 69 7.93 -2.90 -17.80
C GLY A 69 9.03 -3.78 -17.26
N GLN A 70 9.99 -4.17 -18.13
CA GLN A 70 11.08 -5.01 -17.64
C GLN A 70 11.96 -4.22 -16.67
N SER A 71 12.24 -2.95 -17.00
CA SER A 71 13.04 -2.12 -16.11
C SER A 71 12.38 -1.97 -14.74
N LEU A 72 11.07 -1.78 -14.74
CA LEU A 72 10.30 -1.79 -13.50
C LEU A 72 10.59 -3.03 -12.67
N LEU A 73 10.38 -4.21 -13.26
CA LEU A 73 10.61 -5.46 -12.53
C LEU A 73 12.07 -5.59 -12.11
N THR A 74 13.00 -5.18 -12.97
CA THR A 74 14.42 -5.31 -12.64
C THR A 74 14.77 -4.44 -11.44
N GLN A 75 14.28 -3.20 -11.43
CA GLN A 75 14.63 -2.27 -10.35
C GLN A 75 14.01 -2.73 -9.03
N THR A 76 12.80 -3.27 -9.10
CA THR A 76 12.14 -3.73 -7.88
C THR A 76 12.87 -4.94 -7.32
N ASN A 77 13.42 -5.79 -8.20
CA ASN A 77 14.27 -6.88 -7.75
C ASN A 77 15.51 -6.35 -7.02
N GLN A 78 16.07 -5.24 -7.52
CA GLN A 78 17.32 -4.71 -6.97
C GLN A 78 17.16 -4.33 -5.51
N SER A 79 15.96 -3.94 -5.11
CA SER A 79 15.67 -3.56 -3.73
C SER A 79 15.31 -4.76 -2.87
N GLY A 80 15.29 -5.98 -3.43
CA GLY A 80 15.11 -7.19 -2.65
C GLY A 80 13.86 -8.00 -2.96
N VAL A 81 12.98 -7.53 -3.84
CA VAL A 81 11.68 -8.17 -4.06
C VAL A 81 11.85 -9.32 -5.05
N TYR A 82 11.15 -10.44 -4.80
CA TYR A 82 11.15 -11.57 -5.73
C TYR A 82 10.04 -11.35 -6.77
N VAL A 83 10.45 -11.15 -8.02
CA VAL A 83 9.53 -10.75 -9.08
C VAL A 83 9.28 -11.86 -10.09
N ASP A 84 9.77 -13.07 -9.81
CA ASP A 84 9.75 -14.12 -10.83
C ASP A 84 8.34 -14.63 -11.14
N LYS A 85 7.38 -14.46 -10.25
CA LYS A 85 6.00 -14.86 -10.53
C LYS A 85 5.16 -13.76 -11.17
N CYS A 86 5.69 -12.54 -11.32
CA CYS A 86 4.89 -11.49 -11.95
C CYS A 86 4.49 -11.87 -13.36
N LEU A 87 3.24 -11.58 -13.68
CA LEU A 87 2.68 -11.83 -15.01
C LEU A 87 3.19 -10.80 -16.01
N ILE A 88 3.75 -11.27 -17.13
CA ILE A 88 4.03 -10.42 -18.28
C ILE A 88 2.86 -10.54 -19.25
N VAL A 89 2.32 -9.39 -19.65
CA VAL A 89 1.13 -9.35 -20.50
C VAL A 89 1.59 -9.13 -21.94
N PRO A 90 1.40 -10.10 -22.83
CA PRO A 90 1.84 -9.96 -24.23
C PRO A 90 1.38 -8.66 -24.84
N GLY A 91 2.34 -7.85 -25.28
CA GLY A 91 2.07 -6.61 -25.97
C GLY A 91 1.07 -5.71 -25.28
N GLU A 92 1.42 -5.20 -24.11
CA GLU A 92 0.54 -4.29 -23.38
C GLU A 92 1.36 -3.15 -22.79
N ASN A 93 0.74 -1.98 -22.70
CA ASN A 93 1.35 -0.91 -21.94
C ASN A 93 1.49 -1.34 -20.49
N THR A 94 2.63 -1.04 -19.89
CA THR A 94 2.80 -1.24 -18.47
C THR A 94 2.14 -0.06 -17.76
N SER A 95 1.44 -0.33 -16.66
CA SER A 95 0.70 0.74 -15.99
C SER A 95 1.61 1.86 -15.53
N SER A 96 1.05 3.06 -15.50
N SER A 96 1.05 3.06 -15.51
CA SER A 96 1.81 4.27 -15.21
CA SER A 96 1.80 4.25 -15.15
C SER A 96 0.89 5.29 -14.53
C SER A 96 0.88 5.23 -14.45
N TYR A 97 1.50 6.16 -13.75
CA TYR A 97 0.78 7.17 -12.99
C TYR A 97 1.57 8.44 -13.23
N LEU A 98 0.99 9.39 -13.97
CA LEU A 98 1.74 10.55 -14.45
C LEU A 98 1.22 11.78 -13.71
N SER A 99 2.12 12.50 -13.07
CA SER A 99 1.74 13.71 -12.36
C SER A 99 2.54 14.88 -12.87
N LEU A 100 1.85 15.98 -13.11
CA LEU A 100 2.49 17.27 -13.36
C LEU A 100 2.57 17.98 -12.01
N LEU A 101 3.79 18.24 -11.56
CA LEU A 101 4.00 18.90 -10.28
C LEU A 101 4.35 20.36 -10.50
N ASP A 102 4.34 21.11 -9.42
CA ASP A 102 4.58 22.54 -9.45
C ASP A 102 6.07 22.84 -9.34
N ASN A 103 6.44 24.03 -9.84
CA ASN A 103 7.78 24.57 -9.60
C ASN A 103 8.18 24.52 -8.13
N THR A 104 7.21 24.42 -7.23
CA THR A 104 7.47 24.29 -5.79
C THR A 104 7.13 22.91 -5.25
N GLY A 105 6.87 21.93 -6.12
CA GLY A 105 6.61 20.57 -5.69
C GLY A 105 5.15 20.23 -5.45
N GLU A 106 4.24 21.15 -5.72
CA GLU A 106 2.82 20.92 -5.48
C GLU A 106 2.16 20.23 -6.66
N MET A 107 1.19 19.37 -6.38
CA MET A 107 0.47 18.66 -7.45
C MET A 107 -0.39 19.62 -8.26
N LEU A 108 -0.47 19.34 -9.56
CA LEU A 108 -1.40 20.05 -10.45
C LEU A 108 -2.42 19.07 -11.00
N VAL A 109 -2.02 18.21 -11.93
CA VAL A 109 -2.92 17.27 -12.60
C VAL A 109 -2.22 15.92 -12.66
N ALA A 110 -3.02 14.86 -12.55
CA ALA A 110 -2.48 13.51 -12.56
C ALA A 110 -3.31 12.64 -13.49
N ILE A 111 -2.63 11.91 -14.37
CA ILE A 111 -3.24 10.87 -15.19
C ILE A 111 -2.79 9.54 -14.63
N ASN A 112 -3.72 8.59 -14.52
CA ASN A 112 -3.37 7.22 -14.19
C ASN A 112 -3.89 6.30 -15.27
N ASP A 113 -3.05 5.36 -15.68
CA ASP A 113 -3.32 4.41 -16.76
C ASP A 113 -3.06 3.04 -16.16
N MET A 114 -4.10 2.39 -15.63
CA MET A 114 -3.90 1.15 -14.88
C MET A 114 -4.85 0.03 -15.26
N ASN A 115 -5.28 -0.04 -16.52
CA ASN A 115 -6.17 -1.13 -16.91
C ASN A 115 -5.51 -2.50 -16.84
N ILE A 116 -4.18 -2.58 -16.99
CA ILE A 116 -3.58 -3.91 -16.96
C ILE A 116 -3.65 -4.51 -15.55
N SER A 117 -4.03 -3.71 -14.55
CA SER A 117 -4.37 -4.30 -13.26
C SER A 117 -5.44 -5.36 -13.40
N ASN A 118 -6.29 -5.26 -14.43
CA ASN A 118 -7.30 -6.29 -14.64
C ASN A 118 -6.71 -7.61 -15.14
N ALA A 119 -5.45 -7.60 -15.60
CA ALA A 119 -4.78 -8.84 -15.95
C ALA A 119 -4.41 -9.65 -14.72
N ILE A 120 -4.51 -9.08 -13.52
CA ILE A 120 -4.23 -9.84 -12.31
C ILE A 120 -5.52 -10.57 -11.95
N THR A 121 -5.76 -11.66 -12.66
CA THR A 121 -7.04 -12.34 -12.62
C THR A 121 -7.04 -13.44 -11.56
N ALA A 122 -8.24 -13.93 -11.24
CA ALA A 122 -8.36 -15.14 -10.44
C ALA A 122 -7.70 -16.33 -11.11
N GLU A 123 -7.76 -16.40 -12.44
CA GLU A 123 -7.10 -17.49 -13.17
C GLU A 123 -5.60 -17.45 -12.98
N TYR A 124 -5.00 -16.25 -13.09
CA TYR A 124 -3.57 -16.09 -12.83
C TYR A 124 -3.22 -16.51 -11.41
N LEU A 125 -3.90 -15.94 -10.40
CA LEU A 125 -3.60 -16.24 -9.01
C LEU A 125 -3.74 -17.73 -8.70
N ALA A 126 -4.75 -18.38 -9.28
CA ALA A 126 -4.94 -19.81 -9.02
C ALA A 126 -3.76 -20.64 -9.53
N GLN A 127 -2.97 -20.13 -10.45
CA GLN A 127 -1.77 -20.85 -10.87
C GLN A 127 -0.74 -20.89 -9.76
N HIS A 128 -0.85 -20.00 -8.77
CA HIS A 128 0.08 -19.97 -7.65
C HIS A 128 -0.63 -20.25 -6.33
N ARG A 129 -1.78 -20.93 -6.38
CA ARG A 129 -2.57 -21.26 -5.20
C ARG A 129 -1.72 -21.82 -4.06
N GLU A 130 -0.97 -22.91 -4.31
CA GLU A 130 -0.23 -23.54 -3.22
C GLU A 130 0.81 -22.59 -2.64
N PHE A 131 1.50 -21.84 -3.51
CA PHE A 131 2.47 -20.87 -3.03
C PHE A 131 1.82 -19.81 -2.15
N ILE A 132 0.70 -19.23 -2.61
CA ILE A 132 -0.03 -18.24 -1.82
C ILE A 132 -0.46 -18.83 -0.48
N GLN A 133 -0.95 -20.07 -0.49
CA GLN A 133 -1.52 -20.67 0.72
C GLN A 133 -0.45 -21.09 1.73
N ARG A 134 0.83 -20.93 1.39
CA ARG A 134 1.94 -21.22 2.30
C ARG A 134 2.69 -19.97 2.72
N ALA A 135 2.23 -18.78 2.32
CA ALA A 135 2.82 -17.54 2.82
C ALA A 135 2.49 -17.37 4.30
N LYS A 136 3.35 -16.63 5.01
CA LYS A 136 3.05 -16.24 6.38
C LYS A 136 1.94 -15.20 6.44
N VAL A 137 1.88 -14.30 5.46
CA VAL A 137 0.78 -13.31 5.37
C VAL A 137 0.61 -12.94 3.91
N ILE A 138 -0.61 -12.49 3.57
CA ILE A 138 -0.93 -12.02 2.23
C ILE A 138 -1.37 -10.56 2.33
N VAL A 139 -0.75 -9.69 1.54
CA VAL A 139 -1.19 -8.29 1.42
C VAL A 139 -1.79 -8.11 0.03
N ALA A 140 -3.01 -7.60 -0.03
CA ALA A 140 -3.66 -7.31 -1.30
C ALA A 140 -4.04 -5.85 -1.37
N ASP A 141 -3.85 -5.22 -2.53
CA ASP A 141 -4.37 -3.87 -2.71
C ASP A 141 -5.67 -3.91 -3.51
N CYS A 142 -6.44 -2.83 -3.41
CA CYS A 142 -7.72 -2.77 -4.10
C CYS A 142 -7.63 -2.21 -5.52
N ASN A 143 -6.43 -2.17 -6.11
CA ASN A 143 -6.32 -1.91 -7.55
C ASN A 143 -6.84 -3.09 -8.35
N ILE A 144 -6.72 -4.30 -7.81
CA ILE A 144 -7.13 -5.50 -8.53
C ILE A 144 -8.66 -5.54 -8.60
N SER A 145 -9.21 -6.38 -9.46
CA SER A 145 -10.64 -6.43 -9.65
C SER A 145 -11.33 -7.06 -8.44
N GLU A 146 -12.66 -6.87 -8.36
CA GLU A 146 -13.43 -7.51 -7.31
C GLU A 146 -13.36 -9.03 -7.39
N GLU A 147 -13.36 -9.57 -8.60
CA GLU A 147 -13.27 -11.02 -8.75
C GLU A 147 -11.94 -11.57 -8.24
N ALA A 148 -10.86 -10.84 -8.51
CA ALA A 148 -9.53 -11.25 -8.03
C ALA A 148 -9.42 -11.12 -6.52
N LEU A 149 -9.91 -10.02 -5.95
CA LEU A 149 -9.92 -9.89 -4.49
C LEU A 149 -10.77 -10.99 -3.85
N ALA A 150 -11.94 -11.27 -4.42
CA ALA A 150 -12.77 -12.33 -3.87
C ALA A 150 -12.05 -13.67 -3.93
N TRP A 151 -11.29 -13.92 -5.00
CA TRP A 151 -10.54 -15.17 -5.11
C TRP A 151 -9.54 -15.29 -3.95
N ILE A 152 -8.75 -14.22 -3.72
CA ILE A 152 -7.77 -14.22 -2.64
C ILE A 152 -8.45 -14.50 -1.30
N LEU A 153 -9.52 -13.75 -1.01
CA LEU A 153 -10.18 -13.89 0.29
C LEU A 153 -10.83 -15.27 0.46
N ASP A 154 -11.36 -15.85 -0.64
CA ASP A 154 -11.95 -17.18 -0.63
C ASP A 154 -10.93 -18.31 -0.57
N ASN A 155 -9.68 -18.10 -0.98
CA ASN A 155 -8.69 -19.17 -1.06
C ASN A 155 -7.46 -18.92 -0.18
N ALA A 156 -7.59 -18.08 0.83
CA ALA A 156 -6.44 -17.76 1.66
C ALA A 156 -6.07 -18.89 2.62
N ALA A 157 -6.98 -19.84 2.86
CA ALA A 157 -6.66 -21.05 3.60
C ALA A 157 -6.07 -20.73 4.96
N ASN A 158 -6.75 -19.82 5.68
CA ASN A 158 -6.42 -19.38 7.04
C ASN A 158 -5.16 -18.54 7.15
N VAL A 159 -4.50 -18.23 6.03
CA VAL A 159 -3.43 -17.21 6.02
C VAL A 159 -4.05 -15.82 6.15
N PRO A 160 -3.61 -14.99 7.09
CA PRO A 160 -4.21 -13.65 7.25
C PRO A 160 -4.05 -12.81 5.99
N VAL A 161 -5.11 -12.10 5.61
CA VAL A 161 -5.06 -11.19 4.47
C VAL A 161 -5.16 -9.76 4.98
N PHE A 162 -4.12 -8.97 4.72
CA PHE A 162 -4.08 -7.55 5.01
C PHE A 162 -4.46 -6.82 3.72
N VAL A 163 -5.44 -5.90 3.79
CA VAL A 163 -5.96 -5.26 2.58
C VAL A 163 -5.72 -3.76 2.65
N ASP A 164 -5.12 -3.21 1.59
CA ASP A 164 -4.92 -1.78 1.45
C ASP A 164 -6.01 -1.23 0.55
N PRO A 165 -6.87 -0.34 1.06
CA PRO A 165 -8.03 0.11 0.29
C PRO A 165 -7.71 1.01 -0.90
N VAL A 166 -6.49 1.54 -0.97
CA VAL A 166 -5.97 2.37 -2.07
C VAL A 166 -6.64 3.73 -2.23
N SER A 167 -7.97 3.77 -2.36
CA SER A 167 -8.66 5.05 -2.61
C SER A 167 -10.12 4.90 -2.24
N ALA A 168 -10.81 6.04 -2.11
CA ALA A 168 -12.24 6.00 -1.80
C ALA A 168 -13.01 5.31 -2.91
N TRP A 169 -12.59 5.50 -4.15
CA TRP A 169 -13.19 4.84 -5.30
C TRP A 169 -13.00 3.32 -5.24
N LYS A 170 -11.76 2.88 -5.03
CA LYS A 170 -11.42 1.47 -5.16
C LYS A 170 -11.68 0.66 -3.89
N CYS A 171 -11.85 1.32 -2.74
CA CYS A 171 -12.04 0.57 -1.50
C CYS A 171 -13.37 -0.16 -1.42
N VAL A 172 -14.39 0.25 -2.19
CA VAL A 172 -15.74 -0.23 -1.92
C VAL A 172 -15.89 -1.72 -2.19
N LYS A 173 -15.02 -2.31 -3.02
CA LYS A 173 -15.07 -3.76 -3.23
C LYS A 173 -14.82 -4.57 -1.96
N VAL A 174 -14.28 -3.99 -0.88
CA VAL A 174 -14.11 -4.76 0.35
C VAL A 174 -15.37 -4.78 1.21
N ARG A 175 -16.37 -3.95 0.90
CA ARG A 175 -17.45 -3.74 1.87
C ARG A 175 -18.15 -5.05 2.27
N ASP A 176 -18.45 -5.89 1.30
CA ASP A 176 -19.18 -7.13 1.64
C ASP A 176 -18.28 -8.28 2.06
N ARG A 177 -16.97 -8.05 2.18
CA ARG A 177 -16.06 -9.16 2.50
C ARG A 177 -15.19 -8.83 3.71
N LEU A 178 -15.63 -7.86 4.52
CA LEU A 178 -14.91 -7.49 5.74
C LEU A 178 -14.69 -8.70 6.65
N ASN A 179 -15.63 -9.67 6.64
CA ASN A 179 -15.47 -10.83 7.51
C ASN A 179 -14.37 -11.77 7.04
N GLN A 180 -13.74 -11.52 5.89
CA GLN A 180 -12.63 -12.33 5.41
C GLN A 180 -11.28 -11.64 5.52
N ILE A 181 -11.25 -10.43 6.07
CA ILE A 181 -10.05 -9.60 6.08
C ILE A 181 -9.49 -9.52 7.49
N HIS A 182 -8.19 -9.83 7.63
CA HIS A 182 -7.56 -9.79 8.95
C HIS A 182 -7.32 -8.37 9.43
N THR A 183 -6.74 -7.52 8.56
CA THR A 183 -6.47 -6.15 8.92
C THR A 183 -6.75 -5.26 7.71
N LEU A 184 -7.54 -4.22 7.93
CA LEU A 184 -7.87 -3.18 6.94
C LEU A 184 -7.33 -1.84 7.41
N LYS A 185 -6.76 -1.06 6.46
CA LYS A 185 -6.03 0.16 6.80
C LYS A 185 -6.60 1.34 6.01
N PRO A 186 -7.84 1.76 6.28
CA PRO A 186 -8.42 2.91 5.57
C PRO A 186 -8.02 4.25 6.20
N ASN A 187 -8.06 5.31 5.37
CA ASN A 187 -8.02 6.68 5.90
C ASN A 187 -9.45 7.14 6.20
N ARG A 188 -9.62 8.42 6.55
N ARG A 188 -9.60 8.41 6.58
CA ARG A 188 -10.92 8.89 7.02
CA ARG A 188 -10.89 8.95 7.00
C ARG A 188 -11.99 8.80 5.92
C ARG A 188 -11.96 8.78 5.92
N LEU A 189 -11.66 9.25 4.71
CA LEU A 189 -12.65 9.22 3.62
C LEU A 189 -13.01 7.78 3.23
N GLU A 190 -12.01 6.89 3.20
CA GLU A 190 -12.30 5.48 2.91
C GLU A 190 -13.22 4.85 3.95
N ALA A 191 -12.98 5.15 5.24
CA ALA A 191 -13.82 4.57 6.28
C ALA A 191 -15.22 5.14 6.23
N GLU A 192 -15.35 6.43 5.94
CA GLU A 192 -16.65 7.04 5.73
C GLU A 192 -17.36 6.39 4.55
N THR A 193 -16.61 6.18 3.46
CA THR A 193 -17.20 5.64 2.24
C THR A 193 -17.69 4.21 2.48
N LEU A 194 -16.86 3.40 3.13
CA LEU A 194 -17.25 2.00 3.40
C LEU A 194 -18.44 1.93 4.36
N SER A 195 -18.40 2.68 5.47
CA SER A 195 -19.39 2.51 6.53
C SER A 195 -20.71 3.24 6.27
N GLY A 196 -20.71 4.26 5.42
CA GLY A 196 -21.86 5.14 5.34
C GLY A 196 -22.05 6.06 6.53
N ILE A 197 -21.05 6.19 7.40
CA ILE A 197 -21.15 7.01 8.61
C ILE A 197 -20.15 8.14 8.53
N ALA A 198 -20.63 9.37 8.79
CA ALA A 198 -19.76 10.53 8.72
C ALA A 198 -18.70 10.49 9.84
N LEU A 199 -17.45 10.77 9.48
CA LEU A 199 -16.37 10.91 10.47
C LEU A 199 -16.04 12.39 10.62
N SER A 200 -16.87 13.10 11.37
CA SER A 200 -16.70 14.55 11.47
C SER A 200 -15.60 14.90 12.45
N GLY A 201 -15.34 14.03 13.42
CA GLY A 201 -14.29 14.30 14.37
C GLY A 201 -13.90 13.05 15.13
N ARG A 202 -13.00 13.25 16.09
CA ARG A 202 -12.55 12.17 16.95
C ARG A 202 -13.72 11.44 17.61
N ASP A 203 -14.75 12.18 18.01
CA ASP A 203 -15.88 11.58 18.72
C ASP A 203 -16.60 10.51 17.90
N ASP A 204 -16.41 10.50 16.57
CA ASP A 204 -17.16 9.59 15.71
C ASP A 204 -16.47 8.25 15.46
N VAL A 205 -15.19 8.07 15.85
CA VAL A 205 -14.50 6.86 15.42
C VAL A 205 -15.09 5.62 16.10
N ALA A 206 -15.60 5.74 17.32
CA ALA A 206 -16.05 4.53 18.01
C ALA A 206 -17.24 3.89 17.31
N LYS A 207 -18.19 4.71 16.81
CA LYS A 207 -19.32 4.13 16.11
C LYS A 207 -18.93 3.63 14.72
N VAL A 208 -17.96 4.26 14.06
CA VAL A 208 -17.49 3.73 12.79
C VAL A 208 -16.78 2.39 13.00
N ALA A 209 -15.90 2.31 14.01
CA ALA A 209 -15.25 1.03 14.29
C ALA A 209 -16.26 -0.04 14.64
N ALA A 210 -17.28 0.34 15.42
CA ALA A 210 -18.32 -0.64 15.78
C ALA A 210 -19.02 -1.16 14.55
N TRP A 211 -19.26 -0.30 13.56
CA TRP A 211 -19.84 -0.76 12.30
C TRP A 211 -18.94 -1.76 11.60
N PHE A 212 -17.64 -1.46 11.50
CA PHE A 212 -16.72 -2.40 10.85
C PHE A 212 -16.74 -3.75 11.58
N HIS A 213 -16.71 -3.73 12.92
CA HIS A 213 -16.67 -5.01 13.65
C HIS A 213 -17.98 -5.78 13.52
N GLN A 214 -19.11 -5.07 13.54
CA GLN A 214 -20.41 -5.72 13.29
C GLN A 214 -20.45 -6.40 11.93
N HIS A 215 -19.77 -5.84 10.94
CA HIS A 215 -19.68 -6.44 9.62
C HIS A 215 -18.52 -7.43 9.48
N GLY A 216 -17.87 -7.80 10.59
CA GLY A 216 -16.96 -8.92 10.63
C GLY A 216 -15.49 -8.59 10.50
N LEU A 217 -15.12 -7.31 10.47
CA LEU A 217 -13.70 -6.98 10.36
C LEU A 217 -12.97 -7.31 11.64
N ASN A 218 -11.87 -8.08 11.52
CA ASN A 218 -11.03 -8.47 12.65
C ASN A 218 -10.32 -7.26 13.27
N ARG A 219 -9.52 -6.54 12.47
CA ARG A 219 -8.72 -5.41 12.95
C ARG A 219 -8.88 -4.22 12.01
N LEU A 220 -9.11 -3.04 12.60
CA LEU A 220 -9.17 -1.76 11.88
C LEU A 220 -7.98 -0.90 12.27
N VAL A 221 -7.31 -0.31 11.28
CA VAL A 221 -6.25 0.67 11.52
C VAL A 221 -6.62 1.90 10.73
N LEU A 222 -7.18 2.89 11.42
CA LEU A 222 -7.89 4.01 10.81
C LEU A 222 -7.03 5.25 10.93
N SER A 223 -6.49 5.74 9.80
CA SER A 223 -5.65 6.93 9.84
C SER A 223 -6.51 8.18 9.73
N MET A 224 -6.31 9.09 10.67
CA MET A 224 -7.14 10.28 10.80
C MET A 224 -6.29 11.54 10.68
N GLY A 225 -5.23 11.48 9.88
CA GLY A 225 -4.46 12.71 9.62
C GLY A 225 -3.87 13.26 10.90
N GLY A 226 -4.02 14.57 11.09
CA GLY A 226 -3.42 15.24 12.24
C GLY A 226 -3.89 14.69 13.58
N ASP A 227 -5.04 14.01 13.60
CA ASP A 227 -5.56 13.35 14.80
C ASP A 227 -4.80 12.08 15.16
N GLY A 228 -3.99 11.53 14.26
CA GLY A 228 -3.26 10.31 14.58
C GLY A 228 -3.96 9.06 14.05
N VAL A 229 -3.72 7.89 14.65
CA VAL A 229 -4.29 6.64 14.16
C VAL A 229 -5.16 6.05 15.26
N TYR A 230 -6.37 5.65 14.90
CA TYR A 230 -7.25 4.89 15.79
C TYR A 230 -7.21 3.41 15.39
N TYR A 231 -6.88 2.53 16.33
CA TYR A 231 -6.87 1.10 16.05
C TYR A 231 -7.93 0.39 16.89
N SER A 232 -8.46 -0.70 16.32
CA SER A 232 -9.57 -1.40 16.96
C SER A 232 -9.58 -2.87 16.55
N ASP A 233 -9.63 -3.74 17.56
CA ASP A 233 -9.68 -5.19 17.38
C ASP A 233 -11.07 -5.67 17.79
N ILE A 234 -11.66 -6.56 16.98
CA ILE A 234 -12.99 -7.10 17.23
C ILE A 234 -13.09 -7.74 18.61
N ARG A 235 -11.95 -8.17 19.18
CA ARG A 235 -11.98 -8.78 20.51
C ARG A 235 -12.04 -7.77 21.63
N GLY A 236 -11.94 -6.48 21.33
CA GLY A 236 -12.22 -5.51 22.35
C GLY A 236 -11.18 -4.43 22.53
N GLU A 237 -9.92 -4.68 22.18
CA GLU A 237 -8.89 -3.66 22.36
C GLU A 237 -9.05 -2.52 21.35
N ASN A 238 -8.93 -1.29 21.83
CA ASN A 238 -8.90 -0.16 20.90
C ASN A 238 -8.10 0.97 21.52
N GLY A 239 -7.73 1.94 20.71
CA GLY A 239 -6.99 3.06 21.25
C GLY A 239 -6.57 4.01 20.15
N TRP A 240 -6.07 5.16 20.59
CA TRP A 240 -5.51 6.20 19.72
C TRP A 240 -4.00 6.19 19.84
N SER A 241 -3.32 6.47 18.74
CA SER A 241 -1.87 6.71 18.76
C SER A 241 -1.60 8.04 18.08
N ALA A 242 -1.03 9.01 18.82
CA ALA A 242 -0.74 10.34 18.27
C ALA A 242 0.26 10.25 17.12
N PRO A 243 0.20 11.18 16.17
CA PRO A 243 1.19 11.18 15.08
C PRO A 243 2.59 11.47 15.61
N ILE A 244 3.57 10.99 14.84
CA ILE A 244 4.98 11.26 15.10
C ILE A 244 5.37 12.55 14.39
N LYS A 245 5.94 13.50 15.13
CA LYS A 245 6.39 14.74 14.53
C LYS A 245 7.42 14.46 13.43
N THR A 246 7.07 14.80 12.19
CA THR A 246 7.86 14.47 11.03
C THR A 246 8.07 15.70 10.17
N ASN A 247 9.30 15.87 9.69
CA ASN A 247 9.61 16.91 8.70
C ASN A 247 9.23 16.34 7.33
N VAL A 248 8.08 16.77 6.81
CA VAL A 248 7.51 16.15 5.62
C VAL A 248 8.21 16.68 4.37
N ILE A 249 8.77 15.76 3.59
CA ILE A 249 9.49 16.10 2.35
C ILE A 249 8.65 15.80 1.12
N ASN A 250 8.04 14.62 1.07
CA ASN A 250 7.10 14.30 0.00
C ASN A 250 6.16 13.23 0.53
N VAL A 251 4.85 13.44 0.32
CA VAL A 251 3.87 12.60 1.02
C VAL A 251 3.69 11.23 0.39
N THR A 252 4.21 11.00 -0.81
CA THR A 252 3.90 9.77 -1.53
C THR A 252 4.57 8.57 -0.84
N GLY A 253 3.82 7.48 -0.72
CA GLY A 253 4.35 6.24 -0.17
C GLY A 253 4.19 6.06 1.32
N ALA A 254 3.63 7.04 2.03
CA ALA A 254 3.46 6.91 3.48
C ALA A 254 2.59 5.71 3.84
N GLY A 255 1.44 5.56 3.16
CA GLY A 255 0.56 4.45 3.47
C GLY A 255 1.12 3.11 3.06
N ASP A 256 1.90 3.10 1.98
CA ASP A 256 2.57 1.87 1.60
C ASP A 256 3.58 1.45 2.67
N ALA A 257 4.24 2.41 3.31
CA ALA A 257 5.15 2.06 4.39
C ALA A 257 4.39 1.60 5.62
N MET A 258 3.33 2.33 5.99
CA MET A 258 2.35 1.90 6.99
C MET A 258 1.95 0.43 6.88
N MET A 259 1.38 0.08 5.73
CA MET A 259 0.94 -1.30 5.51
C MET A 259 2.09 -2.28 5.68
N ALA A 260 3.25 -1.98 5.11
CA ALA A 260 4.39 -2.89 5.28
C ALA A 260 4.73 -3.09 6.74
N GLY A 261 4.78 -1.99 7.51
CA GLY A 261 5.06 -2.10 8.94
C GLY A 261 4.05 -2.97 9.68
N LEU A 262 2.76 -2.83 9.35
CA LEU A 262 1.72 -3.63 10.01
C LEU A 262 1.91 -5.12 9.75
N ALA A 263 2.13 -5.48 8.48
CA ALA A 263 2.27 -6.88 8.11
C ALA A 263 3.60 -7.45 8.60
N SER A 264 4.69 -6.67 8.49
CA SER A 264 5.97 -7.12 9.01
C SER A 264 5.89 -7.40 10.52
N CYS A 265 5.21 -6.54 11.25
CA CYS A 265 5.17 -6.70 12.71
C CYS A 265 4.30 -7.89 13.09
N TRP A 266 3.25 -8.17 12.33
CA TRP A 266 2.43 -9.35 12.59
C TRP A 266 3.24 -10.61 12.42
N VAL A 267 3.99 -10.69 11.31
CA VAL A 267 4.85 -11.83 11.04
C VAL A 267 5.93 -11.98 12.10
N ASP A 268 6.39 -10.87 12.68
CA ASP A 268 7.45 -10.92 13.69
C ASP A 268 6.92 -11.22 15.08
N GLY A 269 5.60 -11.40 15.24
CA GLY A 269 5.01 -11.75 16.53
C GLY A 269 4.63 -10.58 17.41
N MET A 270 4.68 -9.37 16.91
CA MET A 270 4.46 -8.18 17.72
C MET A 270 2.97 -7.99 18.04
N PRO A 271 2.64 -7.50 19.24
CA PRO A 271 1.24 -7.20 19.56
C PRO A 271 0.69 -6.04 18.73
N PHE A 272 -0.64 -5.93 18.74
CA PHE A 272 -1.37 -5.01 17.87
C PHE A 272 -0.96 -3.56 18.10
N ALA A 273 -1.06 -3.08 19.34
CA ALA A 273 -0.84 -1.65 19.58
C ALA A 273 0.60 -1.27 19.25
N GLU A 274 1.56 -2.08 19.68
N GLU A 274 1.55 -2.08 19.69
CA GLU A 274 2.96 -1.79 19.36
CA GLU A 274 2.96 -1.86 19.36
C GLU A 274 3.23 -1.92 17.86
C GLU A 274 3.18 -1.87 17.85
N SER A 275 2.46 -2.76 17.14
N SER A 275 2.50 -2.75 17.12
CA SER A 275 2.64 -2.83 15.70
CA SER A 275 2.68 -2.79 15.67
C SER A 275 2.13 -1.57 15.00
C SER A 275 2.18 -1.50 15.03
N VAL A 276 1.08 -0.95 15.53
CA VAL A 276 0.53 0.27 14.94
C VAL A 276 1.52 1.43 15.14
N ARG A 277 2.11 1.51 16.32
CA ARG A 277 3.09 2.57 16.56
C ARG A 277 4.34 2.36 15.69
N PHE A 278 4.77 1.11 15.53
CA PHE A 278 5.90 0.83 14.64
C PHE A 278 5.57 1.27 13.22
N ALA A 279 4.39 0.90 12.73
CA ALA A 279 4.00 1.22 11.36
C ALA A 279 3.92 2.73 11.17
N GLN A 280 3.55 3.47 12.22
CA GLN A 280 3.57 4.92 12.15
C GLN A 280 4.99 5.44 11.92
N GLY A 281 5.99 4.76 12.46
CA GLY A 281 7.37 5.15 12.23
C GLY A 281 7.85 4.80 10.83
N CYS A 282 7.40 3.67 10.30
CA CYS A 282 7.64 3.35 8.90
C CYS A 282 7.13 4.46 7.98
N SER A 283 5.88 4.87 8.22
CA SER A 283 5.26 5.92 7.40
C SER A 283 6.02 7.23 7.54
N SER A 284 6.47 7.53 8.76
CA SER A 284 7.27 8.73 9.01
C SER A 284 8.56 8.74 8.19
N MET A 285 9.20 7.57 8.03
CA MET A 285 10.41 7.56 7.20
C MET A 285 10.09 7.70 5.71
N ALA A 286 8.93 7.23 5.26
CA ALA A 286 8.52 7.49 3.88
C ALA A 286 8.26 8.98 3.69
N LEU A 287 7.68 9.64 4.70
CA LEU A 287 7.27 11.03 4.59
C LEU A 287 8.48 11.96 4.51
N SER A 288 9.58 11.60 5.16
CA SER A 288 10.77 12.43 5.20
C SER A 288 11.76 12.11 4.09
N CYS A 289 11.30 11.46 3.02
CA CYS A 289 12.16 11.05 1.91
C CYS A 289 11.58 11.58 0.60
N GLU A 290 12.48 11.84 -0.35
CA GLU A 290 12.05 12.34 -1.66
C GLU A 290 11.24 11.30 -2.41
N TYR A 291 11.74 10.07 -2.46
CA TYR A 291 11.15 9.01 -3.25
C TYR A 291 9.97 8.37 -2.52
N THR A 292 9.16 7.64 -3.29
CA THR A 292 8.00 7.00 -2.67
C THR A 292 8.39 5.75 -1.89
N ASN A 293 9.62 5.25 -2.05
CA ASN A 293 10.22 4.25 -1.18
C ASN A 293 11.55 4.75 -0.67
N ASN A 294 11.66 4.91 0.64
CA ASN A 294 12.88 5.38 1.30
C ASN A 294 13.84 4.20 1.39
N PRO A 295 14.98 4.20 0.67
CA PRO A 295 15.85 3.02 0.76
C PRO A 295 16.66 2.88 2.05
N ASP A 296 16.45 3.79 3.00
CA ASP A 296 16.93 3.65 4.37
C ASP A 296 15.88 3.05 5.29
N LEU A 297 14.76 2.58 4.73
CA LEU A 297 13.77 1.85 5.52
C LEU A 297 14.39 0.56 6.05
N SER A 298 14.35 0.38 7.37
CA SER A 298 14.94 -0.77 8.02
C SER A 298 14.38 -0.87 9.43
N ILE A 299 14.36 -2.11 9.96
CA ILE A 299 13.91 -2.33 11.34
C ILE A 299 14.68 -1.42 12.28
N ALA A 300 16.01 -1.41 12.16
CA ALA A 300 16.85 -0.60 13.05
C ALA A 300 16.47 0.87 12.97
N ASN A 301 16.29 1.38 11.74
CA ASN A 301 16.05 2.81 11.58
C ASN A 301 14.66 3.20 12.07
N VAL A 302 13.67 2.32 11.95
CA VAL A 302 12.33 2.63 12.47
C VAL A 302 12.33 2.68 13.99
N ILE A 303 12.93 1.67 14.64
CA ILE A 303 12.94 1.64 16.11
C ILE A 303 13.56 2.90 16.67
N SER A 304 14.69 3.35 16.10
CA SER A 304 15.32 4.57 16.61
C SER A 304 14.40 5.77 16.44
N LEU A 305 13.68 5.85 15.31
CA LEU A 305 12.72 6.92 15.11
C LEU A 305 11.62 6.88 16.18
N VAL A 306 11.15 5.67 16.52
CA VAL A 306 10.03 5.53 17.44
C VAL A 306 10.45 5.89 18.86
N GLU A 307 11.66 5.52 19.27
CA GLU A 307 12.10 5.82 20.64
C GLU A 307 12.19 7.32 20.91
N ASN A 308 12.41 8.13 19.87
CA ASN A 308 12.32 9.58 20.01
C ASN A 308 10.88 10.01 20.27
C10 8IZ B . -1.41 4.17 -7.35
C02 8IZ B . 1.00 5.17 -7.66
C03 8IZ B . 0.05 4.28 -6.88
C05 8IZ B . 1.43 4.80 -5.11
C06 8IZ B . 1.57 5.66 -3.76
C08 8IZ B . 2.02 5.47 -6.43
C11 8IZ B . -2.19 2.94 -7.33
C14 8IZ B . -4.17 4.06 -8.02
C17 8IZ B . -4.01 6.77 -8.37
C18 8IZ B . -2.00 5.41 -7.64
N13 8IZ B . -3.59 2.83 -7.69
N16 8IZ B . -3.35 5.41 -7.99
O01 8IZ B . 1.52 4.49 -8.76
O04 8IZ B . 0.09 4.69 -5.54
O07 8IZ B . 1.01 4.94 -2.70
O09 8IZ B . 3.21 4.82 -6.71
O12 8IZ B . -1.69 1.85 -7.07
O15 8IZ B . -5.36 4.07 -8.32
K K C . 7.98 10.21 -0.01
#